data_5L4M
#
_entry.id   5L4M
#
_cell.length_a   42.543
_cell.length_b   85.520
_cell.length_c   64.012
_cell.angle_alpha   90.00
_cell.angle_beta   90.00
_cell.angle_gamma   90.00
#
_symmetry.space_group_name_H-M   'P 21 21 2'
#
loop_
_entity.id
_entity.type
_entity.pdbx_description
1 polymer Transthyretin
2 non-polymer Triclopyr
3 non-polymer 'SODIUM ION'
4 water water
#
_entity_poly.entity_id   1
_entity_poly.type   'polypeptide(L)'
_entity_poly.pdbx_seq_one_letter_code
;GPTGTGESKCPLMVKVLDAVRGSPAINVAVHVFRKAADDTWEPFASGKTSESGELHGLTTEEEFVEGIYKVEIDTKSYWK
ALGISPFHEHAEVVFTANDSGPRRYTIAALLSPYSYSTTAVVTNPKE
;
_entity_poly.pdbx_strand_id   A,B
#
loop_
_chem_comp.id
_chem_comp.type
_chem_comp.name
_chem_comp.formula
NA non-polymer 'SODIUM ION' 'Na 1'
SBK non-polymer Triclopyr 'C7 H4 Cl3 N O3'
#
# COMPACT_ATOMS: atom_id res chain seq x y z
N CYS A 10 17.53 17.16 3.15
CA CYS A 10 16.65 16.03 3.46
C CYS A 10 15.33 16.17 2.70
N PRO A 11 15.34 15.80 1.42
CA PRO A 11 14.12 15.92 0.61
C PRO A 11 13.13 14.76 0.76
N LEU A 12 13.49 13.69 1.47
CA LEU A 12 12.60 12.56 1.66
C LEU A 12 12.70 12.11 3.11
N MET A 13 11.57 12.12 3.82
CA MET A 13 11.50 11.67 5.21
C MET A 13 10.32 10.72 5.34
N VAL A 14 10.48 9.70 6.20
CA VAL A 14 9.43 8.73 6.46
C VAL A 14 9.14 8.73 7.95
N LYS A 15 7.85 8.76 8.30
CA LYS A 15 7.40 8.75 9.69
C LYS A 15 6.38 7.64 9.85
N VAL A 16 6.53 6.85 10.92
CA VAL A 16 5.67 5.68 11.15
C VAL A 16 5.18 5.70 12.59
N LEU A 17 3.88 5.55 12.76
CA LEU A 17 3.24 5.51 14.07
C LEU A 17 2.54 4.17 14.28
N ASP A 18 2.42 3.79 15.54
CA ASP A 18 1.79 2.54 15.96
C ASP A 18 0.43 2.88 16.57
N ALA A 19 -0.64 2.43 15.91
CA ALA A 19 -2.01 2.73 16.33
C ALA A 19 -2.51 1.84 17.46
N VAL A 20 -1.78 0.78 17.81
CA VAL A 20 -2.16 -0.09 18.92
C VAL A 20 -1.62 0.45 20.23
N ARG A 21 -0.37 0.93 20.21
CA ARG A 21 0.31 1.41 21.40
C ARG A 21 0.19 2.91 21.58
N GLY A 22 -0.19 3.65 20.54
CA GLY A 22 -0.20 5.10 20.60
C GLY A 22 1.21 5.63 20.79
N SER A 23 2.11 5.20 19.92
CA SER A 23 3.52 5.52 20.07
C SER A 23 4.15 5.57 18.69
N PRO A 24 5.31 6.20 18.56
CA PRO A 24 6.09 6.04 17.34
C PRO A 24 6.37 4.56 17.11
N ALA A 25 6.47 4.19 15.83
CA ALA A 25 6.85 2.84 15.46
C ALA A 25 8.37 2.83 15.28
N ILE A 26 9.07 2.23 16.22
CA ILE A 26 10.53 2.31 16.31
C ILE A 26 11.15 1.12 15.61
N ASN A 27 12.30 1.34 14.98
CA ASN A 27 13.08 0.26 14.36
C ASN A 27 12.33 -0.40 13.21
N VAL A 28 11.55 0.38 12.47
CA VAL A 28 10.86 -0.10 11.28
C VAL A 28 11.81 0.03 10.10
N ALA A 29 12.06 -1.08 9.42
CA ALA A 29 12.90 -1.03 8.22
C ALA A 29 12.13 -0.43 7.05
N VAL A 30 12.81 0.41 6.28
CA VAL A 30 12.24 1.09 5.13
C VAL A 30 13.21 0.95 3.96
N HIS A 31 12.69 0.47 2.83
CA HIS A 31 13.46 0.37 1.60
C HIS A 31 12.83 1.26 0.54
N VAL A 32 13.66 2.07 -0.11
CA VAL A 32 13.22 2.94 -1.18
C VAL A 32 13.79 2.40 -2.49
N PHE A 33 12.94 2.34 -3.51
CA PHE A 33 13.32 1.93 -4.85
C PHE A 33 12.94 3.02 -5.83
N ARG A 34 13.63 3.03 -6.97
CA ARG A 34 13.33 3.95 -8.06
C ARG A 34 13.24 3.17 -9.36
N LYS A 35 12.20 3.43 -10.13
CA LYS A 35 11.99 2.71 -11.38
C LYS A 35 13.08 3.07 -12.38
N ALA A 36 13.72 2.06 -12.95
CA ALA A 36 14.82 2.26 -13.88
C ALA A 36 14.29 2.36 -15.31
N ALA A 37 15.21 2.69 -16.23
CA ALA A 37 14.85 2.81 -17.64
C ALA A 37 14.26 1.51 -18.17
N ASP A 38 14.73 0.36 -17.69
CA ASP A 38 14.18 -0.92 -18.10
C ASP A 38 12.93 -1.30 -17.32
N ASP A 39 12.37 -0.36 -16.56
CA ASP A 39 11.10 -0.52 -15.86
C ASP A 39 11.17 -1.48 -14.67
N THR A 40 12.36 -1.81 -14.19
CA THR A 40 12.51 -2.56 -12.96
C THR A 40 12.73 -1.60 -11.79
N TRP A 41 12.56 -2.13 -10.59
CA TRP A 41 12.73 -1.37 -9.36
C TRP A 41 14.18 -1.45 -8.91
N GLU A 42 14.87 -0.37 -8.99
CA GLU A 42 16.27 -0.34 -8.62
C GLU A 42 16.41 0.14 -7.17
N PRO A 43 17.24 -0.50 -6.35
CA PRO A 43 17.41 -0.03 -4.98
C PRO A 43 17.96 1.39 -4.95
N PHE A 44 17.38 2.21 -4.10
CA PHE A 44 17.73 3.64 -4.04
C PHE A 44 18.27 4.07 -2.70
N ALA A 45 17.65 3.65 -1.60
CA ALA A 45 18.10 3.98 -0.26
C ALA A 45 17.31 3.14 0.73
N SER A 46 17.85 2.99 1.93
CA SER A 46 17.14 2.26 2.97
C SER A 46 17.61 2.75 4.34
N GLY A 47 16.84 2.42 5.36
CA GLY A 47 17.18 2.78 6.72
C GLY A 47 16.16 2.22 7.70
N LYS A 48 16.25 2.67 8.96
N LYS A 48 16.29 2.69 8.95
CA LYS A 48 15.30 2.24 9.97
CA LYS A 48 15.47 2.33 10.10
C LYS A 48 14.84 3.44 10.78
C LYS A 48 14.80 3.57 10.65
N THR A 49 13.58 3.44 11.17
CA THR A 49 13.02 4.54 11.94
C THR A 49 13.68 4.59 13.33
N SER A 50 13.79 5.80 13.85
CA SER A 50 14.43 6.06 15.12
C SER A 50 13.42 5.95 16.26
N GLU A 51 13.82 6.39 17.46
CA GLU A 51 12.94 6.36 18.62
C GLU A 51 11.74 7.26 18.45
N SER A 52 11.82 8.26 17.58
CA SER A 52 10.71 9.16 17.28
C SER A 52 9.82 8.62 16.18
N GLY A 53 10.14 7.46 15.62
CA GLY A 53 9.40 6.92 14.50
C GLY A 53 9.77 7.53 13.17
N GLU A 54 10.83 8.35 13.12
CA GLU A 54 11.20 9.09 11.92
C GLU A 54 12.49 8.52 11.33
N LEU A 55 12.56 8.57 10.01
CA LEU A 55 13.73 8.12 9.27
C LEU A 55 14.20 9.29 8.43
N HIS A 56 15.35 9.86 8.82
CA HIS A 56 15.96 10.99 8.13
C HIS A 56 17.21 10.53 7.38
N GLY A 57 17.66 11.38 6.46
CA GLY A 57 18.93 11.17 5.80
C GLY A 57 18.94 10.10 4.73
N LEU A 58 17.78 9.72 4.21
CA LEU A 58 17.74 8.67 3.20
C LEU A 58 18.49 9.09 1.95
N THR A 59 18.39 10.35 1.55
CA THR A 59 18.93 10.78 0.27
C THR A 59 19.32 12.25 0.35
N THR A 60 19.80 12.78 -0.77
CA THR A 60 20.24 14.15 -0.89
C THR A 60 19.48 14.82 -2.02
N GLU A 61 19.51 16.15 -2.02
CA GLU A 61 18.88 16.89 -3.12
C GLU A 61 19.48 16.51 -4.45
N GLU A 62 20.81 16.31 -4.50
CA GLU A 62 21.46 15.96 -5.76
C GLU A 62 21.02 14.57 -6.23
N GLU A 63 20.94 13.61 -5.30
CA GLU A 63 20.67 12.23 -5.64
C GLU A 63 19.20 11.99 -5.95
N PHE A 64 18.30 12.79 -5.37
CA PHE A 64 16.86 12.56 -5.44
C PHE A 64 16.29 13.26 -6.66
N VAL A 65 16.56 12.66 -7.83
CA VAL A 65 16.15 13.22 -9.11
C VAL A 65 14.71 12.87 -9.43
N GLU A 66 14.19 13.39 -10.54
CA GLU A 66 12.90 12.97 -11.04
C GLU A 66 12.83 11.45 -11.14
N GLY A 67 11.65 10.90 -10.88
CA GLY A 67 11.43 9.50 -11.13
C GLY A 67 10.18 9.01 -10.42
N ILE A 68 9.92 7.73 -10.60
CA ILE A 68 8.87 7.02 -9.87
C ILE A 68 9.56 6.24 -8.76
N TYR A 69 9.13 6.48 -7.53
CA TYR A 69 9.75 5.92 -6.35
C TYR A 69 8.76 5.03 -5.62
N LYS A 70 9.29 3.96 -5.01
CA LYS A 70 8.52 3.08 -4.16
C LYS A 70 9.15 3.09 -2.78
N VAL A 71 8.35 3.44 -1.78
CA VAL A 71 8.79 3.38 -0.39
C VAL A 71 8.12 2.16 0.22
N GLU A 72 8.93 1.15 0.53
N GLU A 72 8.94 1.18 0.60
CA GLU A 72 8.48 -0.07 1.15
CA GLU A 72 8.44 -0.10 1.13
C GLU A 72 8.71 0.04 2.65
C GLU A 72 8.72 -0.14 2.64
N ILE A 73 7.65 -0.09 3.43
CA ILE A 73 7.73 -0.07 4.88
C ILE A 73 7.49 -1.48 5.37
N ASP A 74 8.49 -2.04 6.07
N ASP A 74 8.47 -2.05 6.08
CA ASP A 74 8.47 -3.45 6.48
CA ASP A 74 8.44 -3.48 6.42
C ASP A 74 7.61 -3.60 7.73
C ASP A 74 7.62 -3.68 7.69
N THR A 75 6.30 -3.52 7.52
CA THR A 75 5.36 -3.61 8.63
C THR A 75 5.31 -5.02 9.22
N LYS A 76 5.41 -6.05 8.39
CA LYS A 76 5.34 -7.41 8.90
C LYS A 76 6.46 -7.69 9.89
N SER A 77 7.69 -7.31 9.54
CA SER A 77 8.82 -7.54 10.45
C SER A 77 8.66 -6.75 11.73
N TYR A 78 8.01 -5.58 11.66
CA TYR A 78 7.76 -4.79 12.86
C TYR A 78 6.81 -5.50 13.81
N TRP A 79 5.64 -5.92 13.31
CA TRP A 79 4.68 -6.58 14.18
C TRP A 79 5.21 -7.90 14.70
N LYS A 80 5.88 -8.68 13.85
CA LYS A 80 6.40 -9.97 14.30
C LYS A 80 7.46 -9.82 15.37
N ALA A 81 8.28 -8.77 15.30
CA ALA A 81 9.25 -8.51 16.37
C ALA A 81 8.55 -8.18 17.68
N LEU A 82 7.30 -7.76 17.64
CA LEU A 82 6.50 -7.48 18.84
C LEU A 82 5.63 -8.67 19.23
N GLY A 83 5.85 -9.83 18.62
CA GLY A 83 5.09 -11.03 18.97
C GLY A 83 3.71 -11.12 18.36
N ILE A 84 3.45 -10.41 17.26
CA ILE A 84 2.13 -10.30 16.67
C ILE A 84 2.19 -10.81 15.23
N SER A 85 1.11 -11.44 14.78
CA SER A 85 1.01 -11.94 13.41
C SER A 85 0.13 -11.00 12.60
N PRO A 86 0.69 -10.14 11.75
CA PRO A 86 -0.11 -9.15 11.04
C PRO A 86 -0.58 -9.65 9.69
N PHE A 87 -1.43 -8.84 9.05
CA PHE A 87 -2.02 -9.24 7.77
C PHE A 87 -1.10 -8.95 6.59
N HIS A 88 -0.55 -7.75 6.53
CA HIS A 88 0.16 -7.29 5.34
C HIS A 88 1.63 -7.70 5.39
N GLU A 89 2.20 -7.93 4.19
CA GLU A 89 3.63 -8.18 4.11
C GLU A 89 4.41 -6.90 4.37
N HIS A 90 3.95 -5.79 3.82
CA HIS A 90 4.55 -4.48 4.04
C HIS A 90 3.54 -3.45 3.54
N ALA A 91 3.90 -2.18 3.66
CA ALA A 91 3.13 -1.09 3.09
C ALA A 91 3.98 -0.45 2.00
N GLU A 92 3.40 -0.30 0.81
CA GLU A 92 4.09 0.20 -0.35
C GLU A 92 3.48 1.54 -0.75
N VAL A 93 4.32 2.56 -0.85
CA VAL A 93 3.91 3.90 -1.26
C VAL A 93 4.65 4.23 -2.55
N VAL A 94 3.91 4.38 -3.64
CA VAL A 94 4.48 4.54 -4.97
C VAL A 94 4.02 5.88 -5.53
N PHE A 95 4.97 6.71 -5.96
CA PHE A 95 4.65 8.06 -6.39
C PHE A 95 5.72 8.60 -7.32
N THR A 96 5.31 9.47 -8.22
CA THR A 96 6.25 10.27 -9.00
C THR A 96 6.72 11.45 -8.17
N ALA A 97 8.02 11.72 -8.22
CA ALA A 97 8.64 12.77 -7.42
C ALA A 97 9.39 13.73 -8.30
N ASN A 98 9.34 15.02 -7.94
CA ASN A 98 10.21 16.06 -8.47
C ASN A 98 9.98 16.36 -9.94
N ASP A 99 8.82 16.01 -10.50
CA ASP A 99 8.62 16.23 -11.93
C ASP A 99 8.22 17.66 -12.27
N SER A 100 7.98 18.50 -11.27
CA SER A 100 7.86 19.94 -11.46
C SER A 100 8.97 20.67 -10.71
N GLY A 101 10.09 20.00 -10.49
CA GLY A 101 11.19 20.57 -9.75
C GLY A 101 11.31 19.93 -8.38
N PRO A 102 12.37 20.27 -7.64
CA PRO A 102 12.60 19.64 -6.35
C PRO A 102 11.49 19.98 -5.35
N ARG A 103 11.05 18.97 -4.62
CA ARG A 103 10.12 19.15 -3.51
C ARG A 103 10.63 18.36 -2.31
N ARG A 104 10.06 18.64 -1.15
CA ARG A 104 10.32 17.88 0.06
C ARG A 104 9.11 17.02 0.36
N TYR A 105 9.35 15.73 0.56
CA TYR A 105 8.30 14.75 0.75
C TYR A 105 8.43 14.13 2.13
N THR A 106 7.34 14.14 2.88
CA THR A 106 7.22 13.33 4.08
C THR A 106 6.19 12.24 3.79
N ILE A 107 6.61 10.98 3.89
CA ILE A 107 5.72 9.85 3.77
C ILE A 107 5.41 9.38 5.19
N ALA A 108 4.16 9.50 5.59
CA ALA A 108 3.72 9.10 6.92
C ALA A 108 2.86 7.86 6.82
N ALA A 109 2.97 6.98 7.81
CA ALA A 109 2.17 5.77 7.85
C ALA A 109 1.73 5.47 9.28
N LEU A 110 0.47 5.06 9.42
CA LEU A 110 -0.11 4.68 10.70
C LEU A 110 -0.48 3.20 10.62
N LEU A 111 0.05 2.40 11.55
CA LEU A 111 0.03 0.94 11.44
C LEU A 111 -0.87 0.31 12.49
N SER A 112 -1.68 -0.64 12.05
CA SER A 112 -2.40 -1.59 12.89
C SER A 112 -2.15 -2.98 12.31
N PRO A 113 -2.40 -4.03 13.08
CA PRO A 113 -2.09 -5.38 12.58
C PRO A 113 -2.80 -5.73 11.28
N TYR A 114 -4.02 -5.25 11.05
CA TYR A 114 -4.76 -5.59 9.82
C TYR A 114 -5.09 -4.36 8.98
N SER A 115 -4.40 -3.25 9.20
N SER A 115 -4.43 -3.23 9.23
CA SER A 115 -4.74 -2.02 8.50
CA SER A 115 -4.72 -2.01 8.49
C SER A 115 -3.57 -1.05 8.56
C SER A 115 -3.52 -1.10 8.52
N TYR A 116 -3.49 -0.17 7.57
CA TYR A 116 -2.56 0.94 7.65
C TYR A 116 -3.09 2.08 6.81
N SER A 117 -2.70 3.29 7.19
N SER A 117 -2.74 3.29 7.24
N SER A 117 -2.74 3.28 7.24
CA SER A 117 -3.05 4.50 6.46
CA SER A 117 -3.01 4.50 6.49
CA SER A 117 -3.00 4.50 6.49
C SER A 117 -1.79 5.32 6.21
C SER A 117 -1.68 5.15 6.14
C SER A 117 -1.66 5.10 6.10
N THR A 118 -1.64 5.80 4.98
CA THR A 118 -0.45 6.52 4.57
C THR A 118 -0.86 7.84 3.96
N THR A 119 -0.06 8.86 4.25
N THR A 119 -0.10 8.89 4.27
CA THR A 119 -0.27 10.21 3.78
CA THR A 119 -0.33 10.18 3.65
C THR A 119 1.04 10.74 3.24
C THR A 119 1.00 10.81 3.32
N ALA A 120 0.95 11.78 2.41
CA ALA A 120 2.12 12.47 1.91
C ALA A 120 1.95 13.96 2.18
N VAL A 121 2.99 14.57 2.75
CA VAL A 121 3.08 16.02 2.87
C VAL A 121 4.18 16.48 1.93
N VAL A 122 3.83 17.32 0.96
CA VAL A 122 4.72 17.76 -0.08
C VAL A 122 4.84 19.28 0.03
N THR A 123 6.07 19.76 0.23
CA THR A 123 6.34 21.18 0.38
C THR A 123 7.39 21.63 -0.62
N ASN A 124 7.39 22.93 -0.89
CA ASN A 124 8.32 23.52 -1.83
C ASN A 124 9.45 24.19 -1.06
N PRO A 125 10.71 23.75 -1.18
CA PRO A 125 11.78 24.29 -0.35
C PRO A 125 11.94 25.80 -0.45
N CYS B 10 -17.16 -16.43 -3.35
CA CYS B 10 -15.83 -15.93 -3.71
C CYS B 10 -15.03 -15.59 -2.46
N PRO B 11 -13.78 -16.08 -2.38
CA PRO B 11 -12.98 -15.86 -1.17
C PRO B 11 -12.28 -14.51 -1.11
N LEU B 12 -12.36 -13.68 -2.15
CA LEU B 12 -11.63 -12.42 -2.20
C LEU B 12 -12.51 -11.35 -2.82
N MET B 13 -12.78 -10.29 -2.05
CA MET B 13 -13.56 -9.15 -2.51
C MET B 13 -12.76 -7.88 -2.24
N VAL B 14 -12.94 -6.89 -3.10
CA VAL B 14 -12.28 -5.59 -2.97
C VAL B 14 -13.36 -4.52 -2.96
N LYS B 15 -13.23 -3.57 -2.04
CA LYS B 15 -14.15 -2.44 -1.93
C LYS B 15 -13.34 -1.16 -1.83
N VAL B 16 -13.76 -0.13 -2.57
CA VAL B 16 -13.02 1.12 -2.66
C VAL B 16 -14.00 2.26 -2.43
N LEU B 17 -13.63 3.18 -1.54
CA LEU B 17 -14.42 4.35 -1.19
C LEU B 17 -13.64 5.62 -1.49
N ASP B 18 -14.41 6.70 -1.72
CA ASP B 18 -13.89 8.00 -2.09
C ASP B 18 -14.17 8.98 -0.96
N ALA B 19 -13.10 9.46 -0.33
CA ALA B 19 -13.20 10.34 0.83
C ALA B 19 -13.41 11.80 0.46
N VAL B 20 -13.23 12.18 -0.79
CA VAL B 20 -13.46 13.55 -1.23
C VAL B 20 -14.93 13.78 -1.53
N ARG B 21 -15.57 12.82 -2.18
CA ARG B 21 -16.96 12.94 -2.59
C ARG B 21 -17.93 12.20 -1.67
N GLY B 22 -17.42 11.40 -0.73
CA GLY B 22 -18.30 10.64 0.15
C GLY B 22 -19.13 9.65 -0.64
N SER B 23 -18.47 8.84 -1.45
CA SER B 23 -19.17 7.97 -2.38
C SER B 23 -18.35 6.72 -2.57
N PRO B 24 -18.95 5.64 -3.06
CA PRO B 24 -18.14 4.53 -3.58
C PRO B 24 -17.23 5.05 -4.68
N ALA B 25 -16.07 4.41 -4.81
CA ALA B 25 -15.16 4.70 -5.92
C ALA B 25 -15.51 3.76 -7.06
N ILE B 26 -16.15 4.30 -8.10
CA ILE B 26 -16.78 3.53 -9.16
C ILE B 26 -15.85 3.45 -10.37
N ASN B 27 -15.83 2.28 -11.00
N ASN B 27 -15.84 2.29 -11.03
CA ASN B 27 -15.07 2.07 -12.23
CA ASN B 27 -15.07 2.08 -12.26
C ASN B 27 -13.58 2.23 -12.00
C ASN B 27 -13.57 2.14 -12.03
N VAL B 28 -13.11 1.79 -10.84
CA VAL B 28 -11.68 1.77 -10.52
C VAL B 28 -11.11 0.43 -10.96
N ALA B 29 -10.02 0.47 -11.72
CA ALA B 29 -9.35 -0.77 -12.13
C ALA B 29 -8.60 -1.36 -10.95
N VAL B 30 -8.75 -2.67 -10.79
CA VAL B 30 -8.08 -3.44 -9.74
C VAL B 30 -7.42 -4.63 -10.40
N HIS B 31 -6.14 -4.84 -10.10
CA HIS B 31 -5.38 -5.99 -10.58
C HIS B 31 -4.87 -6.77 -9.39
N VAL B 32 -5.06 -8.09 -9.43
CA VAL B 32 -4.56 -8.99 -8.41
C VAL B 32 -3.43 -9.81 -9.01
N PHE B 33 -2.36 -9.97 -8.24
CA PHE B 33 -1.19 -10.73 -8.66
C PHE B 33 -0.88 -11.77 -7.59
N ARG B 34 -0.27 -12.87 -8.02
N ARG B 34 -0.29 -12.88 -8.02
CA ARG B 34 0.21 -13.91 -7.11
CA ARG B 34 0.22 -13.90 -7.12
C ARG B 34 1.71 -14.04 -7.28
C ARG B 34 1.73 -13.98 -7.29
N LYS B 35 2.44 -14.11 -6.16
CA LYS B 35 3.87 -14.22 -6.22
C LYS B 35 4.26 -15.61 -6.71
N ALA B 36 5.07 -15.66 -7.77
CA ALA B 36 5.49 -16.92 -8.35
C ALA B 36 6.78 -17.40 -7.71
N ALA B 37 7.13 -18.66 -7.97
CA ALA B 37 8.30 -19.25 -7.33
C ALA B 37 9.57 -18.47 -7.63
N ASP B 38 9.66 -17.84 -8.80
CA ASP B 38 10.83 -17.07 -9.16
C ASP B 38 10.78 -15.64 -8.63
N ASP B 39 9.88 -15.35 -7.69
CA ASP B 39 9.80 -14.09 -6.97
C ASP B 39 9.21 -12.95 -7.80
N THR B 40 8.63 -13.25 -8.96
CA THR B 40 7.97 -12.25 -9.77
C THR B 40 6.46 -12.29 -9.53
N TRP B 41 5.78 -11.22 -9.94
CA TRP B 41 4.35 -11.09 -9.74
C TRP B 41 3.61 -11.57 -10.98
N GLU B 42 2.80 -12.60 -10.82
CA GLU B 42 2.04 -13.22 -11.90
C GLU B 42 0.61 -12.68 -11.90
N PRO B 43 0.12 -12.15 -13.02
CA PRO B 43 -1.31 -11.78 -13.08
C PRO B 43 -2.17 -12.94 -12.59
N PHE B 44 -3.19 -12.59 -11.79
CA PHE B 44 -4.05 -13.59 -11.17
C PHE B 44 -5.52 -13.32 -11.48
N ALA B 45 -5.95 -12.07 -11.31
CA ALA B 45 -7.33 -11.69 -11.60
C ALA B 45 -7.39 -10.17 -11.66
N SER B 46 -8.46 -9.65 -12.26
CA SER B 46 -8.62 -8.20 -12.32
C SER B 46 -10.06 -7.86 -12.70
N GLY B 47 -10.38 -6.58 -12.57
CA GLY B 47 -11.71 -6.11 -12.87
C GLY B 47 -11.82 -4.63 -12.56
N LYS B 48 -13.07 -4.14 -12.59
CA LYS B 48 -13.36 -2.75 -12.28
C LYS B 48 -14.46 -2.71 -11.23
N THR B 49 -14.30 -1.83 -10.23
CA THR B 49 -15.31 -1.71 -9.20
C THR B 49 -16.66 -1.30 -9.78
N SER B 50 -17.72 -1.82 -9.17
CA SER B 50 -19.09 -1.56 -9.58
C SER B 50 -19.56 -0.21 -9.06
N GLU B 51 -20.84 0.08 -9.28
N GLU B 51 -20.83 0.10 -9.28
CA GLU B 51 -21.43 1.32 -8.79
CA GLU B 51 -21.40 1.34 -8.78
C GLU B 51 -21.45 1.39 -7.27
C GLU B 51 -21.45 1.39 -7.27
N SER B 52 -21.25 0.27 -6.58
CA SER B 52 -21.17 0.25 -5.13
C SER B 52 -19.73 0.27 -4.63
N GLY B 53 -18.76 0.44 -5.53
CA GLY B 53 -17.37 0.44 -5.18
C GLY B 53 -16.78 -0.94 -4.94
N GLU B 54 -17.50 -1.99 -5.30
CA GLU B 54 -17.12 -3.36 -4.98
C GLU B 54 -16.75 -4.13 -6.24
N LEU B 55 -15.85 -5.09 -6.06
CA LEU B 55 -15.41 -5.95 -7.15
C LEU B 55 -15.54 -7.38 -6.66
N HIS B 56 -16.57 -8.08 -7.15
CA HIS B 56 -16.85 -9.46 -6.81
C HIS B 56 -16.40 -10.38 -7.94
N GLY B 57 -16.30 -11.67 -7.62
CA GLY B 57 -16.04 -12.67 -8.62
C GLY B 57 -14.62 -12.77 -9.09
N LEU B 58 -13.67 -12.20 -8.36
CA LEU B 58 -12.28 -12.19 -8.80
C LEU B 58 -11.74 -13.62 -8.95
N THR B 59 -12.10 -14.51 -8.03
CA THR B 59 -11.49 -15.84 -8.03
C THR B 59 -12.46 -16.82 -7.41
N THR B 60 -12.00 -18.06 -7.25
CA THR B 60 -12.78 -19.15 -6.67
C THR B 60 -11.98 -19.79 -5.54
N GLU B 61 -12.68 -20.53 -4.68
CA GLU B 61 -11.98 -21.24 -3.62
C GLU B 61 -10.92 -22.17 -4.18
N GLU B 62 -11.20 -22.82 -5.31
CA GLU B 62 -10.25 -23.74 -5.91
C GLU B 62 -8.96 -23.04 -6.30
N GLU B 63 -9.08 -21.84 -6.89
CA GLU B 63 -7.91 -21.16 -7.43
C GLU B 63 -7.15 -20.36 -6.38
N PHE B 64 -7.82 -19.94 -5.30
CA PHE B 64 -7.23 -19.03 -4.32
C PHE B 64 -6.49 -19.84 -3.25
N VAL B 65 -5.38 -20.44 -3.68
CA VAL B 65 -4.55 -21.23 -2.78
C VAL B 65 -3.68 -20.31 -1.93
N GLU B 66 -3.11 -20.88 -0.87
CA GLU B 66 -2.18 -20.13 -0.03
C GLU B 66 -1.06 -19.56 -0.87
N GLY B 67 -0.57 -18.40 -0.44
CA GLY B 67 0.50 -17.72 -1.15
C GLY B 67 0.47 -16.25 -0.82
N ILE B 68 1.37 -15.52 -1.47
CA ILE B 68 1.46 -14.08 -1.32
C ILE B 68 0.78 -13.44 -2.51
N TYR B 69 -0.12 -12.50 -2.24
CA TYR B 69 -0.91 -11.84 -3.26
C TYR B 69 -0.72 -10.34 -3.15
N LYS B 70 -0.86 -9.66 -4.28
CA LYS B 70 -0.79 -8.21 -4.35
C LYS B 70 -2.05 -7.71 -5.04
N VAL B 71 -2.75 -6.79 -4.39
CA VAL B 71 -3.90 -6.11 -4.97
C VAL B 71 -3.46 -4.71 -5.32
N GLU B 72 -3.55 -4.37 -6.60
CA GLU B 72 -3.16 -3.06 -7.10
C GLU B 72 -4.41 -2.30 -7.52
N ILE B 73 -4.64 -1.14 -6.90
CA ILE B 73 -5.79 -0.30 -7.16
C ILE B 73 -5.30 0.92 -7.92
N ASP B 74 -5.81 1.10 -9.14
N ASP B 74 -5.82 1.11 -9.13
CA ASP B 74 -5.36 2.17 -10.04
CA ASP B 74 -5.30 2.16 -10.02
C ASP B 74 -6.00 3.49 -9.61
C ASP B 74 -5.95 3.49 -9.65
N THR B 75 -5.50 4.02 -8.49
CA THR B 75 -6.05 5.25 -7.94
C THR B 75 -5.75 6.47 -8.82
N LYS B 76 -4.57 6.50 -9.46
CA LYS B 76 -4.20 7.68 -10.23
C LYS B 76 -5.20 7.93 -11.36
N SER B 77 -5.57 6.88 -12.09
CA SER B 77 -6.54 7.03 -13.16
C SER B 77 -7.91 7.43 -12.63
N TYR B 78 -8.28 6.91 -11.46
CA TYR B 78 -9.55 7.30 -10.84
C TYR B 78 -9.60 8.80 -10.62
N TRP B 79 -8.57 9.37 -9.99
CA TRP B 79 -8.58 10.80 -9.70
C TRP B 79 -8.52 11.63 -10.97
N LYS B 80 -7.66 11.24 -11.92
CA LYS B 80 -7.58 11.97 -13.17
C LYS B 80 -8.94 12.07 -13.86
N ALA B 81 -9.71 10.98 -13.85
CA ALA B 81 -11.02 11.01 -14.49
C ALA B 81 -11.97 11.97 -13.80
N LEU B 82 -11.72 12.30 -12.53
CA LEU B 82 -12.51 13.27 -11.80
C LEU B 82 -11.93 14.68 -11.86
N GLY B 83 -10.87 14.88 -12.66
CA GLY B 83 -10.24 16.18 -12.72
C GLY B 83 -9.47 16.57 -11.49
N ILE B 84 -9.02 15.61 -10.69
CA ILE B 84 -8.37 15.86 -9.41
C ILE B 84 -6.93 15.36 -9.50
N SER B 85 -6.00 16.19 -9.04
CA SER B 85 -4.57 15.88 -9.14
C SER B 85 -4.15 14.96 -7.99
N PRO B 86 -3.67 13.74 -8.28
CA PRO B 86 -3.36 12.81 -7.18
C PRO B 86 -1.87 12.64 -6.91
N PHE B 87 -1.53 12.02 -5.78
CA PHE B 87 -0.15 11.82 -5.40
C PHE B 87 0.39 10.46 -5.83
N HIS B 88 -0.33 9.39 -5.50
CA HIS B 88 0.18 8.05 -5.70
C HIS B 88 -0.03 7.57 -7.14
N GLU B 89 0.88 6.70 -7.58
CA GLU B 89 0.68 6.01 -8.86
C GLU B 89 -0.46 5.02 -8.74
N HIS B 90 -0.54 4.32 -7.61
CA HIS B 90 -1.61 3.38 -7.31
C HIS B 90 -1.50 3.07 -5.83
N ALA B 91 -2.45 2.30 -5.32
CA ALA B 91 -2.39 1.74 -3.98
C ALA B 91 -2.16 0.24 -4.10
N GLU B 92 -1.19 -0.27 -3.34
CA GLU B 92 -0.85 -1.69 -3.37
C GLU B 92 -1.12 -2.29 -2.00
N VAL B 93 -1.77 -3.44 -1.97
CA VAL B 93 -2.03 -4.19 -0.76
C VAL B 93 -1.42 -5.58 -0.95
N VAL B 94 -0.44 -5.92 -0.12
CA VAL B 94 0.32 -7.16 -0.25
C VAL B 94 0.16 -7.96 1.03
N PHE B 95 -0.27 -9.21 0.88
CA PHE B 95 -0.63 -10.03 2.04
C PHE B 95 -0.47 -11.50 1.70
N THR B 96 -0.37 -12.32 2.73
CA THR B 96 -0.32 -13.76 2.60
C THR B 96 -1.71 -14.33 2.86
N ALA B 97 -2.19 -15.15 1.93
CA ALA B 97 -3.40 -15.94 2.16
C ALA B 97 -3.03 -17.18 2.96
N ASN B 98 -3.76 -17.42 4.04
CA ASN B 98 -3.44 -18.46 4.99
C ASN B 98 -4.70 -19.27 5.27
N ASP B 99 -4.77 -20.67 4.98
N ASP B 99 -4.72 -20.65 5.11
CA ASP B 99 -5.90 -21.59 5.16
CA ASP B 99 -5.89 -21.53 5.15
C ASP B 99 -6.37 -21.83 6.59
C ASP B 99 -6.57 -21.80 6.51
N SER B 100 -5.52 -21.55 7.56
N SER B 100 -5.82 -21.79 7.60
CA SER B 100 -5.88 -21.68 8.97
CA SER B 100 -6.35 -22.19 8.92
C SER B 100 -6.90 -20.62 9.33
C SER B 100 -7.77 -21.68 9.21
N GLY B 101 -6.72 -19.45 8.71
N GLY B 101 -8.80 -22.53 9.19
CA GLY B 101 -7.50 -18.27 9.04
CA GLY B 101 -10.15 -22.00 9.14
C GLY B 101 -8.92 -18.35 8.52
C GLY B 101 -10.65 -21.83 7.72
N PRO B 102 -9.74 -17.37 8.89
N PRO B 102 -11.95 -21.80 7.52
CA PRO B 102 -11.09 -17.34 8.34
CA PRO B 102 -12.49 -21.15 6.32
C PRO B 102 -11.01 -17.35 6.81
C PRO B 102 -12.32 -19.62 6.36
N ARG B 103 -12.11 -17.67 6.16
N ARG B 103 -11.81 -19.03 5.28
CA ARG B 103 -12.09 -18.05 4.76
CA ARG B 103 -11.56 -17.58 5.23
C ARG B 103 -12.25 -16.87 3.80
C ARG B 103 -12.26 -16.94 4.02
N ARG B 104 -12.91 -15.82 4.25
CA ARG B 104 -13.23 -14.84 3.25
C ARG B 104 -12.49 -13.55 3.53
N TYR B 105 -11.85 -13.02 2.50
CA TYR B 105 -11.01 -11.83 2.60
C TYR B 105 -11.67 -10.67 1.88
N THR B 106 -11.87 -9.56 2.60
CA THR B 106 -12.25 -8.32 2.01
C THR B 106 -11.11 -7.30 2.22
N ILE B 107 -10.65 -6.78 1.10
CA ILE B 107 -9.67 -5.72 1.06
C ILE B 107 -10.41 -4.43 0.78
N ALA B 108 -10.43 -3.57 1.76
CA ALA B 108 -11.13 -2.30 1.67
C ALA B 108 -10.10 -1.18 1.61
N ALA B 109 -10.38 -0.16 0.79
CA ALA B 109 -9.50 0.98 0.67
C ALA B 109 -10.32 2.25 0.64
N LEU B 110 -9.86 3.25 1.39
CA LEU B 110 -10.46 4.58 1.42
C LEU B 110 -9.46 5.55 0.81
N LEU B 111 -9.88 6.26 -0.24
CA LEU B 111 -8.99 7.04 -1.08
C LEU B 111 -9.17 8.54 -0.88
N SER B 112 -8.06 9.23 -0.72
CA SER B 112 -7.97 10.68 -0.89
C SER B 112 -6.84 10.97 -1.86
N PRO B 113 -6.76 12.21 -2.37
CA PRO B 113 -5.74 12.49 -3.40
C PRO B 113 -4.31 12.28 -2.92
N TYR B 114 -4.00 12.61 -1.66
CA TYR B 114 -2.65 12.46 -1.13
C TYR B 114 -2.57 11.43 0.01
N SER B 115 -3.59 10.60 0.16
N SER B 115 -3.61 10.64 0.20
CA SER B 115 -3.61 9.65 1.27
CA SER B 115 -3.61 9.63 1.27
C SER B 115 -4.55 8.50 0.91
C SER B 115 -4.53 8.49 0.89
N TYR B 116 -4.26 7.33 1.48
CA TYR B 116 -5.22 6.24 1.45
C TYR B 116 -5.05 5.39 2.68
N SER B 117 -6.15 4.71 3.05
N SER B 117 -6.16 4.77 3.08
N SER B 117 -6.16 4.76 3.07
CA SER B 117 -6.16 3.79 4.18
CA SER B 117 -6.21 3.78 4.14
CA SER B 117 -6.21 3.78 4.14
C SER B 117 -6.80 2.48 3.73
C SER B 117 -6.67 2.47 3.54
C SER B 117 -6.70 2.46 3.56
N THR B 118 -6.15 1.37 4.06
CA THR B 118 -6.60 0.06 3.63
C THR B 118 -6.72 -0.83 4.86
N THR B 119 -7.72 -1.71 4.80
N THR B 119 -7.76 -1.65 4.88
CA THR B 119 -8.05 -2.60 5.90
CA THR B 119 -7.91 -2.63 5.95
C THR B 119 -8.37 -3.97 5.33
C THR B 119 -8.34 -3.95 5.36
N ALA B 120 -8.13 -5.01 6.13
CA ALA B 120 -8.48 -6.36 5.77
C ALA B 120 -9.55 -6.87 6.72
N VAL B 121 -10.64 -7.37 6.17
CA VAL B 121 -11.71 -7.98 6.95
C VAL B 121 -11.71 -9.46 6.55
N VAL B 122 -11.34 -10.32 7.49
CA VAL B 122 -11.18 -11.74 7.24
C VAL B 122 -12.19 -12.46 8.12
N THR B 123 -13.16 -13.12 7.51
CA THR B 123 -14.27 -13.71 8.22
C THR B 123 -14.51 -15.14 7.75
N ASN B 124 -15.33 -15.84 8.52
CA ASN B 124 -15.59 -17.25 8.31
C ASN B 124 -16.94 -17.46 7.64
C01 SBK C . -1.25 9.88 11.12
C02 SBK C . 0.12 10.05 10.74
C03 SBK C . 0.58 11.37 10.49
N04 SBK C . -0.21 12.41 10.60
C05 SBK C . -1.49 12.26 10.95
C06 SBK C . -2.08 11.01 11.23
CL6 SBK C . -3.78 10.86 11.71
CL5 SBK C . -2.42 13.71 11.05
O09 SBK C . 1.87 11.52 10.14
C10 SBK C . 2.47 12.83 10.40
C11 SBK C . 2.54 13.10 11.86
O12 SBK C . 1.63 12.57 12.66
O13 SBK C . 3.41 13.83 12.29
CL2 SBK C . 1.18 8.66 10.58
H011 SBK C . -1.61 9.03 11.29
H101 SBK C . 3.39 12.83 10.06
H102 SBK C . 1.96 13.53 9.99
NA NA D . 8.49 17.78 -15.73
C01 SBK E . -13.33 2.74 5.21
C02 SBK E . -13.57 1.65 4.34
C03 SBK E . -14.32 0.57 4.80
N04 SBK E . -14.77 0.53 6.01
C05 SBK E . -14.51 1.50 6.82
C06 SBK E . -13.79 2.67 6.52
CL6 SBK E . -13.65 3.97 7.72
CL5 SBK E . -15.12 1.22 8.40
O09 SBK E . -14.56 -0.46 3.96
C10 SBK E . -15.59 -1.42 4.31
C11 SBK E . -16.95 -0.80 4.25
O12 SBK E . -17.90 -1.47 3.88
O13 SBK E . -17.10 0.45 4.61
CL2 SBK E . -12.97 1.65 2.69
H011 SBK E . -12.86 3.49 4.93
H101 SBK E . -15.60 -2.15 3.67
H102 SBK E . -15.47 -1.75 5.22
#